data_3UJI
#
_entry.id   3UJI
#
_cell.length_a   102.351
_cell.length_b   73.097
_cell.length_c   88.662
_cell.angle_alpha   90.00
_cell.angle_beta   121.98
_cell.angle_gamma   90.00
#
_symmetry.space_group_name_H-M   'C 1 2 1'
#
loop_
_entity.id
_entity.type
_entity.pdbx_description
1 polymer 'Light chain of anti-HIV-1 V3 monoclonal antibody 2558'
2 polymer 'Fab region of the heavy chain of anti-HIV-1 V3 monoclonal antibody 2558'
3 polymer 'Envelope glycoprotein gp160'
4 branched 2-acetamido-2-deoxy-beta-D-glucopyranose-(1-4)-[alpha-L-fucopyranose-(1-6)]2-acetamido-2-deoxy-beta-D-glucopyranose
5 non-polymer 'CALCIUM ION'
6 water water
#
loop_
_entity_poly.entity_id
_entity_poly.type
_entity_poly.pdbx_seq_one_letter_code
_entity_poly.pdbx_strand_id
1 'polypeptide(L)'
;SYELTQPPSVSVSPGQTASITCSGDILGDKYVSWYQQKSGQSPLLVIYEDTKRPSGIPDRFSGSKSGNTATLTISGTQAM
DEADYYCQAWDSTLGVVFGGGTKVTVLGQPKAAPSVTLFPPSSEELQANKATLVCLISDFYPGAVTVAWKADSSPVKAGV
ETTTPSKQSNNKYAASSYLSLTPEQWKSHKSYSCQVTHEGSTVEKTVAP
;
L
2 'polypeptide(L)'
;QVQLVQSAAEVKKPGEALKISCKGSGYSFSNYWIAWVRQMPGKGLEWMGIVYPDDSDSSYNSSFQGQITFSADKSISTAY
LHWTSLQASDTAMYYCARLGFEGDYSGSFFDYWGQGTLLIVSSASTKGPSVFPLAPSSKSTSGGTAALGCLVKDYFPEPV
TVSWNSGALTSGVHTFPAVLQSSGLYSLSSVVTVPSSSLGTQTYICNVNHKPSNTKVDKKVEP
;
H
3 'polypeptide(L)' YNKRKRIHIGPGRAFYTTKNIIG P
#
# COMPACT_ATOMS: atom_id res chain seq x y z
N TYR A 2 -5.40 -7.86 -14.82
CA TYR A 2 -5.47 -7.16 -16.13
C TYR A 2 -5.14 -5.69 -15.84
N GLU A 3 -3.95 -5.25 -16.26
CA GLU A 3 -3.49 -3.88 -16.02
C GLU A 3 -2.91 -3.31 -17.31
N LEU A 4 -3.07 -2.02 -17.46
CA LEU A 4 -2.33 -1.31 -18.51
C LEU A 4 -0.89 -1.15 -18.03
N THR A 5 0.06 -0.95 -18.99
CA THR A 5 1.44 -0.99 -18.63
C THR A 5 2.03 0.41 -18.41
N GLN A 6 2.49 0.67 -17.20
CA GLN A 6 3.20 1.96 -16.93
C GLN A 6 4.59 1.64 -16.39
N PRO A 7 5.51 2.61 -16.52
CA PRO A 7 6.82 2.41 -15.92
C PRO A 7 6.64 2.45 -14.42
N PRO A 8 7.36 1.62 -13.61
CA PRO A 8 7.11 1.63 -12.16
C PRO A 8 7.49 2.96 -11.49
N SER A 9 8.50 3.62 -12.07
CA SER A 9 9.05 4.80 -11.31
C SER A 9 9.57 5.87 -12.28
N VAL A 10 9.32 7.11 -11.94
CA VAL A 10 9.92 8.25 -12.69
C VAL A 10 10.47 9.19 -11.60
N SER A 11 11.66 9.70 -11.74
CA SER A 11 12.23 10.63 -10.74
C SER A 11 12.68 11.85 -11.52
N VAL A 12 12.30 13.02 -11.03
CA VAL A 12 12.72 14.27 -11.76
C VAL A 12 13.05 15.31 -10.67
N SER A 13 13.95 16.29 -11.00
CA SER A 13 14.19 17.42 -10.08
C SER A 13 13.10 18.45 -10.27
N PRO A 14 12.84 19.30 -9.30
CA PRO A 14 11.83 20.31 -9.47
C PRO A 14 12.21 21.15 -10.75
N GLY A 15 11.15 21.43 -11.54
CA GLY A 15 11.31 22.20 -12.73
C GLY A 15 11.45 21.38 -13.99
N GLN A 16 11.83 20.11 -13.87
CA GLN A 16 11.93 19.28 -15.02
C GLN A 16 10.64 18.61 -15.37
N THR A 17 10.57 18.11 -16.62
CA THR A 17 9.29 17.49 -17.10
C THR A 17 9.29 15.99 -16.70
N ALA A 18 8.16 15.60 -16.13
CA ALA A 18 7.99 14.15 -15.84
C ALA A 18 7.05 13.64 -16.94
N SER A 19 7.43 12.55 -17.55
CA SER A 19 6.60 11.96 -18.65
C SER A 19 6.30 10.53 -18.20
N ILE A 20 4.99 10.26 -18.13
CA ILE A 20 4.56 8.95 -17.65
C ILE A 20 3.76 8.26 -18.80
N THR A 21 4.17 7.09 -19.26
CA THR A 21 3.42 6.41 -20.39
C THR A 21 2.48 5.31 -19.81
N CYS A 22 1.50 4.95 -20.64
CA CYS A 22 0.47 3.92 -20.23
C CYS A 22 0.09 3.27 -21.56
N SER A 23 0.29 2.00 -21.66
CA SER A 23 0.01 1.36 -22.96
C SER A 23 -0.87 0.12 -22.68
N GLY A 24 -1.71 -0.15 -23.69
CA GLY A 24 -2.45 -1.40 -23.66
C GLY A 24 -3.17 -1.54 -25.01
N ASP A 25 -3.46 -2.79 -25.38
CA ASP A 25 -4.08 -2.99 -26.74
C ASP A 25 -5.46 -2.35 -26.77
N ILE A 26 -6.21 -2.10 -25.67
CA ILE A 26 -7.48 -1.39 -25.76
C ILE A 26 -7.40 0.10 -25.88
N LEU A 27 -6.22 0.71 -25.76
CA LEU A 27 -6.27 2.14 -25.61
C LEU A 27 -6.54 2.93 -26.90
N GLY A 28 -6.31 2.30 -28.08
CA GLY A 28 -6.37 3.09 -29.33
C GLY A 28 -7.75 3.71 -29.53
N ASP A 29 -8.84 3.03 -29.07
CA ASP A 29 -10.15 3.61 -29.27
C ASP A 29 -10.91 3.80 -27.95
N LYS A 30 -10.16 3.90 -26.83
CA LYS A 30 -10.85 4.10 -25.55
C LYS A 30 -10.28 5.29 -24.85
N TYR A 31 -11.16 6.11 -24.24
CA TYR A 31 -10.72 7.26 -23.45
C TYR A 31 -9.83 6.89 -22.23
N VAL A 32 -8.74 7.63 -22.10
CA VAL A 32 -7.80 7.36 -20.95
C VAL A 32 -7.99 8.46 -19.94
N SER A 33 -8.08 8.02 -18.68
CA SER A 33 -8.15 8.92 -17.53
C SER A 33 -6.80 8.71 -16.77
N TRP A 34 -6.45 9.77 -16.03
CA TRP A 34 -5.25 9.72 -15.11
C TRP A 34 -5.60 10.20 -13.76
N TYR A 35 -5.16 9.47 -12.73
CA TYR A 35 -5.37 9.90 -11.30
C TYR A 35 -4.03 10.06 -10.59
N GLN A 36 -4.03 11.05 -9.73
CA GLN A 36 -2.90 11.31 -8.86
C GLN A 36 -3.28 10.81 -7.47
N GLN A 37 -2.41 9.98 -6.89
CA GLN A 37 -2.60 9.55 -5.50
C GLN A 37 -1.37 9.84 -4.67
N LYS A 38 -1.52 10.87 -3.83
CA LYS A 38 -0.41 11.24 -2.90
C LYS A 38 -0.44 10.25 -1.78
N SER A 39 0.70 10.14 -1.08
CA SER A 39 0.88 9.22 -0.03
C SER A 39 -0.20 9.38 1.06
N GLY A 40 -0.85 8.24 1.35
CA GLY A 40 -1.91 8.25 2.35
C GLY A 40 -3.24 8.91 1.98
N GLN A 41 -3.42 9.29 0.70
CA GLN A 41 -4.59 10.06 0.30
C GLN A 41 -5.36 9.21 -0.81
N SER A 42 -6.55 9.70 -1.10
CA SER A 42 -7.40 9.06 -2.14
C SER A 42 -6.88 9.53 -3.52
N PRO A 43 -7.19 8.76 -4.59
CA PRO A 43 -6.92 9.21 -5.96
C PRO A 43 -7.70 10.44 -6.30
N LEU A 44 -7.12 11.26 -7.16
CA LEU A 44 -7.77 12.50 -7.66
C LEU A 44 -7.62 12.51 -9.16
N LEU A 45 -8.75 12.77 -9.84
CA LEU A 45 -8.70 12.82 -11.34
C LEU A 45 -7.92 14.06 -11.80
N VAL A 46 -6.92 13.78 -12.65
CA VAL A 46 -6.23 14.92 -13.20
C VAL A 46 -6.34 15.07 -14.72
N ILE A 47 -6.78 14.03 -15.46
CA ILE A 47 -6.97 14.14 -16.95
C ILE A 47 -8.06 13.16 -17.19
N TYR A 48 -8.95 13.54 -18.11
CA TYR A 48 -9.98 12.53 -18.55
C TYR A 48 -10.15 12.69 -20.09
N GLU A 49 -10.77 11.69 -20.71
CA GLU A 49 -10.95 11.69 -22.15
C GLU A 49 -9.65 12.05 -22.87
N ASP A 50 -8.53 11.39 -22.44
CA ASP A 50 -7.24 11.53 -23.01
C ASP A 50 -6.53 12.85 -22.69
N THR A 51 -7.25 13.99 -22.86
CA THR A 51 -6.49 15.28 -22.92
C THR A 51 -7.17 16.35 -22.07
N LYS A 52 -8.33 16.09 -21.47
CA LYS A 52 -9.10 17.15 -20.80
C LYS A 52 -8.72 17.24 -19.34
N ARG A 53 -8.63 18.45 -18.82
CA ARG A 53 -8.29 18.70 -17.39
C ARG A 53 -9.51 19.12 -16.61
N PRO A 54 -9.86 18.51 -15.48
CA PRO A 54 -10.91 19.02 -14.60
C PRO A 54 -10.56 20.40 -14.12
N SER A 55 -11.61 21.15 -13.77
CA SER A 55 -11.38 22.39 -13.09
C SER A 55 -10.54 22.23 -11.85
N GLY A 56 -9.60 23.15 -11.69
CA GLY A 56 -8.85 23.15 -10.47
C GLY A 56 -7.56 22.39 -10.61
N ILE A 57 -7.42 21.65 -11.69
CA ILE A 57 -6.11 21.06 -12.01
C ILE A 57 -5.24 22.02 -12.80
N PRO A 58 -3.97 22.30 -12.31
CA PRO A 58 -3.03 23.19 -13.01
C PRO A 58 -2.72 22.83 -14.43
N ASP A 59 -2.59 23.79 -15.35
CA ASP A 59 -2.16 23.47 -16.72
C ASP A 59 -0.86 22.88 -17.11
N ARG A 60 -0.05 22.74 -16.02
CA ARG A 60 1.19 22.03 -16.13
C ARG A 60 1.02 20.47 -16.28
N PHE A 61 -0.18 20.00 -15.97
CA PHE A 61 -0.56 18.55 -16.30
C PHE A 61 -1.19 18.47 -17.67
N SER A 62 -0.62 17.73 -18.53
CA SER A 62 -1.30 17.53 -19.81
C SER A 62 -1.31 16.12 -20.22
N GLY A 63 -2.39 15.73 -20.90
CA GLY A 63 -2.37 14.36 -21.45
C GLY A 63 -2.41 14.32 -22.94
N SER A 64 -1.86 13.27 -23.47
CA SER A 64 -1.87 13.02 -24.88
C SER A 64 -1.97 11.57 -25.16
N LYS A 65 -2.22 11.24 -26.44
CA LYS A 65 -2.27 9.81 -26.75
C LYS A 65 -1.85 9.59 -28.22
N SER A 66 -1.07 8.60 -28.40
CA SER A 66 -0.62 8.23 -29.77
C SER A 66 -0.82 6.75 -29.91
N GLY A 67 -1.82 6.34 -30.71
CA GLY A 67 -2.15 4.89 -30.85
C GLY A 67 -2.50 4.26 -29.48
N ASN A 68 -1.76 3.23 -29.10
CA ASN A 68 -2.08 2.40 -27.92
C ASN A 68 -1.33 2.92 -26.68
N THR A 69 -0.77 4.11 -26.78
CA THR A 69 0.06 4.62 -25.67
C THR A 69 -0.42 6.04 -25.32
N ALA A 70 -0.88 6.19 -24.09
CA ALA A 70 -1.24 7.49 -23.56
C ALA A 70 -0.08 8.04 -22.69
N THR A 71 0.10 9.35 -22.67
CA THR A 71 1.22 9.91 -21.86
C THR A 71 0.66 11.03 -21.05
N LEU A 72 0.97 11.00 -19.74
CA LEU A 72 0.73 12.15 -18.83
C LEU A 72 2.09 12.89 -18.70
N THR A 73 1.99 14.22 -19.02
CA THR A 73 3.25 15.01 -19.00
C THR A 73 3.02 16.03 -17.93
N ILE A 74 3.95 16.12 -16.98
CA ILE A 74 3.89 17.20 -15.99
C ILE A 74 5.08 18.12 -16.31
N SER A 75 4.75 19.37 -16.69
CA SER A 75 5.86 20.25 -17.05
C SER A 75 6.11 21.14 -15.82
N GLY A 76 7.40 21.49 -15.59
CA GLY A 76 7.65 22.40 -14.44
C GLY A 76 7.28 21.73 -13.17
N THR A 77 7.70 20.39 -13.08
CA THR A 77 7.22 19.61 -11.94
C THR A 77 7.54 20.30 -10.63
N GLN A 78 6.57 20.26 -9.73
CA GLN A 78 6.82 20.87 -8.41
C GLN A 78 6.91 19.80 -7.34
N ALA A 79 7.49 20.10 -6.17
CA ALA A 79 7.47 19.09 -5.07
C ALA A 79 6.07 18.56 -4.76
N MET A 80 5.04 19.41 -4.81
CA MET A 80 3.74 18.91 -4.48
C MET A 80 3.17 17.95 -5.48
N ASP A 81 3.83 17.77 -6.59
CA ASP A 81 3.36 16.82 -7.65
C ASP A 81 3.90 15.40 -7.36
N GLU A 82 4.68 15.22 -6.32
CA GLU A 82 5.18 13.88 -6.02
C GLU A 82 3.93 13.06 -5.57
N ALA A 83 3.75 11.91 -6.25
CA ALA A 83 2.59 11.05 -6.03
C ALA A 83 2.78 9.77 -6.82
N ASP A 84 1.81 8.83 -6.63
CA ASP A 84 1.72 7.70 -7.58
C ASP A 84 0.64 8.11 -8.57
N TYR A 85 0.87 7.86 -9.86
CA TYR A 85 -0.13 8.26 -10.94
C TYR A 85 -0.55 6.97 -11.65
N TYR A 86 -1.86 6.87 -11.82
CA TYR A 86 -2.48 5.70 -12.48
C TYR A 86 -3.25 6.16 -13.68
N CYS A 87 -3.08 5.46 -14.76
CA CYS A 87 -3.97 5.59 -15.94
C CYS A 87 -5.09 4.59 -15.80
N GLN A 88 -6.10 4.83 -16.63
CA GLN A 88 -7.30 3.97 -16.58
C GLN A 88 -7.98 4.08 -17.92
N ALA A 89 -8.69 2.97 -18.24
CA ALA A 89 -9.61 2.99 -19.43
C ALA A 89 -10.58 1.82 -19.19
N TRP A 90 -11.49 1.66 -20.16
CA TRP A 90 -12.48 0.59 -20.04
C TRP A 90 -12.32 -0.47 -21.14
N ASP A 91 -12.25 -1.72 -20.71
CA ASP A 91 -12.45 -2.84 -21.66
C ASP A 91 -14.00 -2.94 -21.86
N SER A 92 -14.42 -3.21 -23.10
CA SER A 92 -15.81 -3.18 -23.47
C SER A 92 -16.63 -4.22 -22.71
N THR A 93 -16.00 -5.32 -22.36
CA THR A 93 -16.78 -6.32 -21.62
C THR A 93 -16.22 -6.52 -20.21
N LEU A 94 -14.89 -6.31 -19.99
CA LEU A 94 -14.28 -6.60 -18.67
C LEU A 94 -14.26 -5.37 -17.73
N GLY A 95 -14.59 -4.18 -18.21
CA GLY A 95 -14.84 -3.07 -17.23
C GLY A 95 -13.57 -2.21 -17.07
N VAL A 96 -13.42 -1.69 -15.85
CA VAL A 96 -12.39 -0.66 -15.63
C VAL A 96 -11.02 -1.26 -15.45
N VAL A 97 -10.09 -0.88 -16.32
CA VAL A 97 -8.72 -1.41 -16.28
C VAL A 97 -7.80 -0.27 -15.81
N PHE A 98 -7.03 -0.47 -14.76
CA PHE A 98 -6.07 0.55 -14.35
C PHE A 98 -4.71 0.16 -14.85
N GLY A 99 -3.83 1.16 -15.03
CA GLY A 99 -2.42 0.87 -15.11
C GLY A 99 -1.89 0.39 -13.75
N GLY A 100 -0.64 -0.16 -13.76
CA GLY A 100 0.03 -0.63 -12.54
C GLY A 100 0.50 0.50 -11.61
N GLY A 101 0.46 1.72 -12.15
CA GLY A 101 0.90 2.91 -11.36
C GLY A 101 2.36 3.27 -11.60
N THR A 102 2.66 4.59 -11.46
CA THR A 102 4.02 5.07 -11.60
C THR A 102 4.27 5.94 -10.35
N LYS A 103 5.34 5.60 -9.60
CA LYS A 103 5.71 6.44 -8.46
C LYS A 103 6.62 7.58 -9.01
N VAL A 104 6.09 8.77 -8.96
CA VAL A 104 6.84 9.95 -9.42
C VAL A 104 7.42 10.61 -8.18
N THR A 105 8.77 10.59 -8.09
CA THR A 105 9.43 11.25 -6.98
C THR A 105 10.01 12.55 -7.52
N VAL A 106 9.76 13.65 -6.78
CA VAL A 106 10.39 14.95 -7.14
C VAL A 106 11.59 15.11 -6.20
N LEU A 107 12.79 14.96 -6.82
CA LEU A 107 13.99 14.70 -6.01
C LEU A 107 14.39 15.91 -5.18
N GLY A 108 14.50 15.63 -3.89
CA GLY A 108 14.98 16.73 -3.02
C GLY A 108 16.35 16.42 -2.41
N GLN A 109 16.92 15.28 -2.79
CA GLN A 109 18.27 14.90 -2.29
C GLN A 109 18.77 13.87 -3.28
N PRO A 110 20.06 13.52 -3.21
CA PRO A 110 20.62 12.45 -4.07
C PRO A 110 19.95 11.09 -3.84
N LYS A 111 19.91 10.31 -4.93
CA LYS A 111 19.47 8.92 -4.72
C LYS A 111 20.41 8.28 -3.72
N ALA A 112 19.80 7.45 -2.87
CA ALA A 112 20.54 6.78 -1.73
C ALA A 112 20.16 5.31 -1.68
N ALA A 113 21.23 4.45 -1.75
CA ALA A 113 20.94 3.00 -1.62
C ALA A 113 20.66 2.66 -0.17
N PRO A 114 19.90 1.56 -0.01
CA PRO A 114 19.50 1.21 1.39
C PRO A 114 20.68 0.74 2.23
N SER A 115 20.52 1.04 3.50
CA SER A 115 21.39 0.39 4.56
C SER A 115 20.64 -0.82 5.00
N VAL A 116 21.29 -1.99 5.08
CA VAL A 116 20.56 -3.23 5.45
C VAL A 116 21.23 -3.85 6.69
N THR A 117 20.39 -4.18 7.67
CA THR A 117 20.87 -4.84 8.91
C THR A 117 20.02 -6.10 8.99
N LEU A 118 20.68 -7.28 9.04
CA LEU A 118 19.95 -8.53 9.06
C LEU A 118 20.26 -9.18 10.44
N PHE A 119 19.21 -9.41 11.23
CA PHE A 119 19.36 -10.17 12.52
C PHE A 119 18.90 -11.60 12.33
N PRO A 120 19.74 -12.55 12.89
CA PRO A 120 19.27 -13.94 12.95
C PRO A 120 18.22 -14.05 14.09
N PRO A 121 17.55 -15.24 14.16
CA PRO A 121 16.63 -15.47 15.28
C PRO A 121 17.49 -15.35 16.59
N SER A 122 16.86 -14.78 17.62
CA SER A 122 17.49 -14.64 18.97
C SER A 122 17.44 -16.11 19.59
N SER A 123 18.36 -16.25 20.52
CA SER A 123 18.41 -17.54 21.27
C SER A 123 17.07 -17.67 22.05
N GLU A 124 16.48 -16.61 22.60
CA GLU A 124 15.17 -16.66 23.27
C GLU A 124 14.10 -17.14 22.32
N GLU A 125 14.02 -16.61 21.07
CA GLU A 125 12.96 -17.06 20.21
C GLU A 125 13.15 -18.59 19.85
N LEU A 126 14.36 -18.99 19.57
CA LEU A 126 14.66 -20.44 19.17
C LEU A 126 14.28 -21.29 20.37
N GLN A 127 14.49 -20.77 21.56
CA GLN A 127 13.98 -21.55 22.77
C GLN A 127 12.53 -21.61 22.84
N ALA A 128 11.76 -20.69 22.24
CA ALA A 128 10.30 -20.73 22.20
C ALA A 128 9.78 -21.49 20.95
N ASN A 129 10.67 -22.14 20.25
CA ASN A 129 10.38 -23.11 19.17
C ASN A 129 10.02 -22.38 17.87
N LYS A 130 10.54 -21.15 17.76
CA LYS A 130 10.18 -20.28 16.58
C LYS A 130 11.49 -19.69 16.04
N ALA A 131 11.47 -19.12 14.80
CA ALA A 131 12.66 -18.54 14.30
C ALA A 131 12.19 -17.42 13.26
N THR A 132 12.69 -16.25 13.50
CA THR A 132 12.32 -15.18 12.57
C THR A 132 13.60 -14.48 12.23
N LEU A 133 13.89 -14.33 10.91
CA LEU A 133 15.05 -13.55 10.44
C LEU A 133 14.46 -12.12 10.11
N VAL A 134 15.20 -11.13 10.60
CA VAL A 134 14.64 -9.72 10.60
C VAL A 134 15.62 -8.89 9.70
N CYS A 135 15.08 -8.40 8.55
CA CYS A 135 15.92 -7.55 7.61
C CYS A 135 15.36 -6.14 7.64
N LEU A 136 16.20 -5.29 8.23
CA LEU A 136 15.79 -3.89 8.46
C LEU A 136 16.47 -3.05 7.45
N ILE A 137 15.66 -2.26 6.72
CA ILE A 137 16.15 -1.55 5.48
C ILE A 137 15.87 -0.05 5.64
N SER A 138 16.92 0.73 5.64
CA SER A 138 16.73 2.16 5.99
C SER A 138 17.56 3.04 5.04
N ASP A 139 17.13 4.30 5.08
CA ASP A 139 17.89 5.35 4.40
C ASP A 139 17.96 5.18 2.90
N PHE A 140 16.87 4.65 2.28
CA PHE A 140 16.94 4.60 0.82
C PHE A 140 16.06 5.74 0.22
N TYR A 141 16.46 6.11 -0.99
CA TYR A 141 15.64 7.24 -1.63
C TYR A 141 15.91 7.11 -3.12
N PRO A 142 14.92 7.15 -4.00
CA PRO A 142 13.45 7.25 -3.71
C PRO A 142 12.96 6.05 -2.95
N GLY A 143 11.77 6.24 -2.43
CA GLY A 143 11.16 5.23 -1.49
C GLY A 143 10.54 4.00 -2.08
N ALA A 144 11.31 3.17 -2.77
CA ALA A 144 10.79 1.90 -3.25
C ALA A 144 11.95 0.89 -3.24
N VAL A 145 11.67 -0.34 -2.77
CA VAL A 145 12.68 -1.40 -2.86
C VAL A 145 11.91 -2.71 -3.14
N THR A 146 12.66 -3.70 -3.60
CA THR A 146 12.16 -5.11 -3.65
C THR A 146 13.15 -5.95 -2.84
N VAL A 147 12.66 -7.02 -2.19
CA VAL A 147 13.48 -7.83 -1.30
C VAL A 147 13.37 -9.27 -1.76
N ALA A 148 14.50 -9.90 -1.83
CA ALA A 148 14.51 -11.34 -2.12
C ALA A 148 15.36 -12.00 -1.04
N TRP A 149 14.95 -13.23 -0.69
CA TRP A 149 15.63 -13.97 0.35
C TRP A 149 16.23 -15.26 -0.27
N LYS A 150 17.35 -15.65 0.26
CA LYS A 150 17.97 -16.97 -0.19
C LYS A 150 18.19 -17.81 1.03
N ALA A 151 18.06 -19.16 0.81
CA ALA A 151 18.48 -20.17 1.81
C ALA A 151 19.69 -20.80 1.10
N ASP A 152 20.85 -20.71 1.70
CA ASP A 152 22.10 -20.93 1.00
C ASP A 152 22.11 -20.06 -0.25
N SER A 153 22.03 -20.66 -1.43
CA SER A 153 21.91 -19.85 -2.68
C SER A 153 20.56 -19.99 -3.34
N SER A 154 19.64 -20.71 -2.75
CA SER A 154 18.36 -20.90 -3.41
C SER A 154 17.33 -19.87 -2.97
N PRO A 155 16.46 -19.44 -3.90
CA PRO A 155 15.38 -18.47 -3.61
C PRO A 155 14.43 -19.09 -2.59
N VAL A 156 14.01 -18.34 -1.57
CA VAL A 156 12.94 -18.78 -0.69
C VAL A 156 11.82 -17.78 -0.78
N LYS A 157 10.62 -18.25 -1.04
CA LYS A 157 9.44 -17.36 -1.03
C LYS A 157 8.49 -17.59 0.13
N ALA A 158 8.43 -18.85 0.61
CA ALA A 158 7.48 -19.10 1.69
C ALA A 158 7.97 -18.43 2.96
N GLY A 159 7.03 -17.92 3.73
CA GLY A 159 7.37 -17.43 5.09
C GLY A 159 7.84 -15.95 5.06
N VAL A 160 7.85 -15.32 3.86
CA VAL A 160 8.35 -13.93 3.81
C VAL A 160 7.25 -12.92 3.93
N GLU A 161 7.47 -11.86 4.73
CA GLU A 161 6.49 -10.84 4.84
C GLU A 161 7.28 -9.47 4.87
N THR A 162 6.87 -8.58 3.97
CA THR A 162 7.66 -7.32 3.75
C THR A 162 6.73 -6.15 3.84
N THR A 163 7.16 -5.11 4.52
CA THR A 163 6.34 -3.89 4.71
C THR A 163 6.40 -2.97 3.45
N THR A 164 5.43 -2.06 3.40
CA THR A 164 5.52 -0.97 2.48
C THR A 164 6.63 -0.08 3.00
N PRO A 165 7.15 0.82 2.15
CA PRO A 165 8.12 1.79 2.61
C PRO A 165 7.47 2.91 3.39
N SER A 166 8.17 3.45 4.31
CA SER A 166 7.72 4.58 5.11
C SER A 166 8.72 5.66 5.20
N LYS A 167 8.24 6.93 5.17
CA LYS A 167 9.21 8.01 5.16
C LYS A 167 9.78 8.32 6.50
N GLN A 168 11.06 8.46 6.57
CA GLN A 168 11.85 8.77 7.73
C GLN A 168 11.91 10.31 8.01
N SER A 169 12.46 10.69 9.17
CA SER A 169 12.51 12.14 9.45
C SER A 169 13.56 12.81 8.57
N ASN A 170 14.52 12.05 8.01
CA ASN A 170 15.51 12.63 7.11
C ASN A 170 15.04 12.58 5.64
N ASN A 171 13.76 12.28 5.38
CA ASN A 171 13.06 12.25 4.05
C ASN A 171 13.56 11.09 3.16
N LYS A 172 14.45 10.24 3.76
CA LYS A 172 14.65 8.97 3.10
C LYS A 172 13.60 7.98 3.68
N TYR A 173 13.68 6.70 3.30
CA TYR A 173 12.60 5.73 3.56
C TYR A 173 13.20 4.47 4.21
N ALA A 174 12.26 3.82 4.89
CA ALA A 174 12.55 2.57 5.60
C ALA A 174 11.52 1.52 5.27
N ALA A 175 11.97 0.26 5.44
CA ALA A 175 11.06 -0.90 5.25
C ALA A 175 11.69 -2.07 5.97
N SER A 176 10.88 -3.09 6.21
CA SER A 176 11.46 -4.28 6.86
C SER A 176 10.92 -5.52 6.21
N SER A 177 11.71 -6.60 6.22
CA SER A 177 11.14 -7.85 5.71
C SER A 177 11.52 -8.92 6.74
N TYR A 178 10.59 -9.84 6.89
CA TYR A 178 10.78 -10.93 7.88
C TYR A 178 10.61 -12.30 7.24
N LEU A 179 11.49 -13.21 7.61
CA LEU A 179 11.38 -14.57 7.07
C LEU A 179 11.17 -15.46 8.38
N SER A 180 10.04 -16.14 8.33
CA SER A 180 9.67 -17.10 9.44
C SER A 180 10.09 -18.51 9.04
N LEU A 181 10.84 -19.13 9.94
CA LEU A 181 11.42 -20.47 9.65
C LEU A 181 11.12 -21.32 10.89
N THR A 182 11.19 -22.64 10.75
CA THR A 182 11.20 -23.38 12.01
C THR A 182 12.64 -23.39 12.48
N PRO A 183 12.86 -23.62 13.82
CA PRO A 183 14.25 -23.72 14.19
C PRO A 183 15.03 -24.77 13.40
N GLU A 184 14.35 -25.88 13.04
CA GLU A 184 15.06 -26.92 12.29
C GLU A 184 15.50 -26.41 10.88
N GLN A 185 14.60 -25.71 10.17
CA GLN A 185 14.99 -25.04 8.85
C GLN A 185 16.13 -24.12 9.07
N TRP A 186 16.04 -23.33 10.14
CA TRP A 186 17.16 -22.45 10.45
C TRP A 186 18.51 -23.10 10.57
N LYS A 187 18.58 -24.17 11.38
CA LYS A 187 19.87 -24.81 11.74
C LYS A 187 20.42 -25.67 10.61
N SER A 188 19.55 -26.09 9.70
CA SER A 188 19.89 -27.00 8.58
C SER A 188 20.50 -26.37 7.30
N HIS A 189 20.61 -25.02 7.20
CA HIS A 189 21.29 -24.40 6.06
C HIS A 189 22.56 -23.80 6.50
N LYS A 190 23.51 -23.56 5.58
CA LYS A 190 24.77 -22.93 5.94
C LYS A 190 24.49 -21.45 6.29
N SER A 191 23.51 -20.91 5.58
CA SER A 191 23.25 -19.43 5.74
C SER A 191 22.00 -19.03 5.03
N TYR A 192 21.46 -17.85 5.42
CA TYR A 192 20.33 -17.25 4.73
C TYR A 192 20.71 -15.81 4.40
N SER A 193 20.15 -15.25 3.29
CA SER A 193 20.59 -13.89 2.93
C SER A 193 19.34 -13.06 2.59
N CYS A 194 19.41 -11.73 2.91
CA CYS A 194 18.36 -10.83 2.49
C CYS A 194 19.08 -9.91 1.48
N GLN A 195 18.43 -9.80 0.31
CA GLN A 195 19.05 -9.02 -0.83
C GLN A 195 17.99 -7.93 -1.14
N VAL A 196 18.40 -6.64 -1.04
CA VAL A 196 17.41 -5.55 -1.25
C VAL A 196 17.81 -4.82 -2.56
N THR A 197 16.88 -4.75 -3.49
CA THR A 197 17.18 -4.08 -4.78
C THR A 197 16.49 -2.72 -4.76
N HIS A 198 17.27 -1.73 -5.21
CA HIS A 198 16.79 -0.31 -5.20
C HIS A 198 17.39 0.33 -6.45
N GLU A 199 16.49 0.86 -7.29
CA GLU A 199 16.95 1.57 -8.54
C GLU A 199 17.95 0.65 -9.30
N GLY A 200 17.67 -0.65 -9.40
CA GLY A 200 18.47 -1.56 -10.20
C GLY A 200 19.72 -2.10 -9.49
N SER A 201 20.10 -1.56 -8.35
CA SER A 201 21.32 -1.99 -7.63
C SER A 201 20.97 -2.75 -6.31
N THR A 202 21.78 -3.68 -5.85
CA THR A 202 21.36 -4.54 -4.78
C THR A 202 22.34 -4.44 -3.65
N VAL A 203 21.81 -4.57 -2.42
CA VAL A 203 22.61 -4.55 -1.18
C VAL A 203 22.23 -5.86 -0.46
N GLU A 204 23.24 -6.71 -0.11
CA GLU A 204 22.92 -8.07 0.49
C GLU A 204 23.59 -8.20 1.85
N LYS A 205 22.84 -8.84 2.74
CA LYS A 205 23.39 -9.28 4.02
C LYS A 205 23.07 -10.73 4.20
N THR A 206 23.98 -11.44 4.98
CA THR A 206 23.80 -12.90 5.21
C THR A 206 24.04 -13.22 6.70
N VAL A 207 23.29 -14.15 7.24
CA VAL A 207 23.59 -14.63 8.61
C VAL A 207 23.61 -16.17 8.55
N ALA A 208 24.22 -16.76 9.57
CA ALA A 208 24.45 -18.21 9.57
C ALA A 208 24.21 -18.71 11.00
N PRO A 209 23.60 -19.92 11.13
CA PRO A 209 23.22 -20.45 12.48
C PRO A 209 24.34 -20.65 13.53
N GLN B 1 -20.73 21.57 -3.66
CA GLN B 1 -19.57 20.70 -4.04
C GLN B 1 -19.95 19.24 -3.83
N VAL B 2 -19.45 18.36 -4.78
CA VAL B 2 -19.65 16.93 -4.65
C VAL B 2 -18.72 16.36 -3.58
N GLN B 3 -19.30 15.56 -2.66
CA GLN B 3 -18.51 14.82 -1.69
C GLN B 3 -19.00 13.41 -1.59
N LEU B 4 -18.03 12.49 -1.49
CA LEU B 4 -18.33 11.11 -1.18
C LEU B 4 -17.60 10.80 0.14
N VAL B 5 -18.40 10.38 1.12
CA VAL B 5 -17.86 10.14 2.46
C VAL B 5 -18.15 8.69 2.83
N GLN B 6 -17.11 7.91 3.09
CA GLN B 6 -17.17 6.51 3.37
C GLN B 6 -17.18 6.21 4.91
N SER B 7 -17.61 5.03 5.25
CA SER B 7 -17.74 4.63 6.66
C SER B 7 -16.36 4.30 7.22
N ALA B 8 -16.31 4.21 8.57
CA ALA B 8 -15.01 4.15 9.25
C ALA B 8 -14.31 2.83 9.12
N ALA B 9 -13.00 2.87 9.50
CA ALA B 9 -12.16 1.66 9.43
C ALA B 9 -12.85 0.48 10.11
N GLU B 10 -12.66 -0.71 9.57
CA GLU B 10 -13.26 -1.98 10.07
C GLU B 10 -12.19 -2.99 10.42
N VAL B 11 -12.37 -3.70 11.54
CA VAL B 11 -11.54 -4.86 11.88
C VAL B 11 -12.43 -6.03 12.15
N LYS B 12 -12.33 -7.00 11.28
CA LYS B 12 -13.21 -8.16 11.31
C LYS B 12 -12.50 -9.47 11.29
N LYS B 13 -13.29 -10.55 11.54
CA LYS B 13 -12.76 -11.91 11.42
C LYS B 13 -13.21 -12.69 10.19
N PRO B 14 -12.39 -13.67 9.73
CA PRO B 14 -12.80 -14.45 8.55
C PRO B 14 -14.16 -15.10 8.84
N GLY B 15 -15.01 -15.09 7.84
CA GLY B 15 -16.36 -15.71 7.97
C GLY B 15 -17.44 -14.75 8.34
N GLU B 16 -17.08 -13.59 8.87
CA GLU B 16 -18.07 -12.56 9.23
C GLU B 16 -18.57 -11.82 7.98
N ALA B 17 -19.79 -11.30 8.12
CA ALA B 17 -20.37 -10.42 7.11
C ALA B 17 -20.08 -8.98 7.39
N LEU B 18 -20.01 -8.16 6.32
CA LEU B 18 -19.75 -6.74 6.51
C LEU B 18 -20.37 -5.94 5.35
N LYS B 19 -20.87 -4.79 5.64
CA LYS B 19 -21.15 -3.84 4.58
C LYS B 19 -20.48 -2.50 4.94
N ILE B 20 -19.86 -1.86 3.93
CA ILE B 20 -19.30 -0.55 4.12
C ILE B 20 -20.03 0.37 3.22
N SER B 21 -20.02 1.64 3.54
CA SER B 21 -20.88 2.62 2.91
C SER B 21 -20.17 3.77 2.28
N CYS B 22 -20.87 4.42 1.33
CA CYS B 22 -20.36 5.59 0.62
C CYS B 22 -21.56 6.50 0.44
N LYS B 23 -21.51 7.64 1.13
CA LYS B 23 -22.63 8.61 1.10
C LYS B 23 -22.24 9.79 0.26
N GLY B 24 -23.06 10.08 -0.77
CA GLY B 24 -22.78 11.15 -1.64
C GLY B 24 -23.65 12.34 -1.35
N SER B 25 -23.03 13.51 -1.36
CA SER B 25 -23.76 14.71 -1.15
C SER B 25 -23.38 15.74 -2.17
N GLY B 26 -24.23 16.76 -2.32
CA GLY B 26 -23.90 17.80 -3.30
C GLY B 26 -24.35 17.59 -4.77
N TYR B 27 -25.12 16.55 -4.97
CA TYR B 27 -25.61 16.19 -6.32
C TYR B 27 -26.74 15.20 -6.17
N SER B 28 -27.31 14.84 -7.33
CA SER B 28 -28.34 13.86 -7.34
C SER B 28 -27.82 12.43 -7.29
N PHE B 29 -27.71 11.92 -6.08
CA PHE B 29 -27.01 10.63 -5.85
C PHE B 29 -27.57 9.51 -6.68
N SER B 30 -28.88 9.53 -6.95
CA SER B 30 -29.42 8.38 -7.64
C SER B 30 -28.98 8.28 -9.10
N ASN B 31 -28.40 9.34 -9.65
CA ASN B 31 -28.36 9.52 -11.15
C ASN B 31 -26.92 9.14 -11.69
N TYR B 32 -25.94 8.88 -10.77
CA TYR B 32 -24.56 8.61 -11.18
C TYR B 32 -24.12 7.29 -10.67
N TRP B 33 -23.44 6.49 -11.53
CA TRP B 33 -22.89 5.25 -11.09
C TRP B 33 -21.81 5.43 -9.99
N ILE B 34 -21.73 4.43 -9.08
CA ILE B 34 -20.67 4.43 -8.03
C ILE B 34 -19.86 3.24 -8.30
N ALA B 35 -18.51 3.41 -8.44
CA ALA B 35 -17.61 2.25 -8.48
C ALA B 35 -16.99 1.95 -7.13
N TRP B 36 -16.62 0.69 -6.93
CA TRP B 36 -15.85 0.27 -5.77
C TRP B 36 -14.55 -0.27 -6.24
N VAL B 37 -13.45 0.20 -5.58
CA VAL B 37 -12.09 -0.02 -6.01
C VAL B 37 -11.31 -0.56 -4.79
N ARG B 38 -10.50 -1.58 -4.99
CA ARG B 38 -9.71 -2.17 -3.90
C ARG B 38 -8.24 -1.79 -4.10
N GLN B 39 -7.55 -1.56 -2.97
CA GLN B 39 -6.06 -1.29 -3.07
C GLN B 39 -5.43 -1.96 -1.84
N MET B 40 -4.71 -3.03 -2.13
CA MET B 40 -3.92 -3.71 -1.08
C MET B 40 -2.79 -2.75 -0.70
N PRO B 41 -2.30 -2.82 0.53
CA PRO B 41 -1.23 -1.86 0.89
C PRO B 41 -0.01 -1.94 0.00
N GLY B 42 0.43 -0.78 -0.47
CA GLY B 42 1.59 -0.71 -1.31
C GLY B 42 1.39 -1.15 -2.73
N LYS B 43 0.14 -1.53 -3.06
CA LYS B 43 -0.19 -2.00 -4.41
C LYS B 43 -1.14 -1.07 -5.17
N GLY B 44 -1.54 -1.53 -6.36
CA GLY B 44 -2.32 -0.60 -7.24
C GLY B 44 -3.81 -0.70 -7.02
N LEU B 45 -4.51 0.08 -7.81
CA LEU B 45 -5.97 0.16 -7.79
C LEU B 45 -6.59 -0.98 -8.62
N GLU B 46 -7.58 -1.65 -8.03
CA GLU B 46 -8.22 -2.81 -8.75
C GLU B 46 -9.71 -2.60 -8.75
N TRP B 47 -10.37 -2.68 -9.92
CA TRP B 47 -11.83 -2.45 -9.94
C TRP B 47 -12.67 -3.66 -9.51
N MET B 48 -13.60 -3.41 -8.63
CA MET B 48 -14.49 -4.47 -8.11
C MET B 48 -15.78 -4.48 -8.86
N GLY B 49 -16.37 -3.32 -9.17
CA GLY B 49 -17.66 -3.28 -9.84
C GLY B 49 -18.26 -1.93 -9.72
N ILE B 50 -19.47 -1.77 -10.27
CA ILE B 50 -20.20 -0.55 -10.24
C ILE B 50 -21.70 -0.75 -9.90
N VAL B 51 -22.28 0.23 -9.23
CA VAL B 51 -23.74 0.13 -8.90
C VAL B 51 -24.39 1.42 -9.31
N TYR B 52 -25.58 1.33 -9.84
CA TYR B 52 -26.35 2.53 -10.15
C TYR B 52 -27.37 2.75 -9.03
N PRO B 53 -27.23 3.85 -8.29
CA PRO B 53 -28.08 3.90 -7.05
C PRO B 53 -29.61 4.04 -7.31
N ASP B 54 -30.02 4.63 -8.44
CA ASP B 54 -31.49 4.75 -8.68
C ASP B 54 -32.15 3.38 -8.73
N ASP B 55 -31.51 2.34 -9.25
CA ASP B 55 -32.22 1.07 -9.35
C ASP B 55 -31.46 -0.12 -8.84
N SER B 56 -30.29 0.12 -8.15
CA SER B 56 -29.38 -0.92 -7.76
C SER B 56 -28.85 -1.87 -8.80
N ASP B 57 -28.87 -1.46 -10.09
CA ASP B 57 -28.31 -2.24 -11.16
C ASP B 57 -26.80 -2.36 -10.85
N SER B 58 -26.19 -3.51 -11.01
CA SER B 58 -24.77 -3.63 -10.69
C SER B 58 -24.08 -4.37 -11.81
N SER B 59 -22.81 -4.06 -12.03
CA SER B 59 -21.98 -4.83 -12.91
C SER B 59 -20.69 -5.13 -12.17
N TYR B 60 -20.23 -6.39 -12.09
CA TYR B 60 -19.11 -6.82 -11.24
C TYR B 60 -17.92 -7.22 -12.08
N ASN B 61 -16.71 -7.06 -11.54
CA ASN B 61 -15.58 -7.78 -12.00
C ASN B 61 -15.87 -9.27 -11.62
N SER B 62 -15.90 -10.18 -12.61
CA SER B 62 -16.37 -11.52 -12.28
C SER B 62 -15.39 -12.27 -11.39
N SER B 63 -14.16 -11.79 -11.22
CA SER B 63 -13.30 -12.38 -10.19
C SER B 63 -13.79 -12.19 -8.74
N PHE B 64 -14.66 -11.23 -8.52
CA PHE B 64 -15.21 -10.92 -7.19
C PHE B 64 -16.73 -11.30 -7.12
N GLN B 65 -17.42 -11.38 -8.25
CA GLN B 65 -18.75 -12.00 -8.22
C GLN B 65 -18.86 -13.23 -7.29
N GLY B 66 -19.94 -13.32 -6.55
CA GLY B 66 -20.01 -14.39 -5.58
C GLY B 66 -19.35 -14.11 -4.25
N GLN B 67 -18.38 -13.18 -4.12
CA GLN B 67 -17.92 -12.74 -2.77
C GLN B 67 -18.50 -11.41 -2.32
N ILE B 68 -18.87 -10.57 -3.31
CA ILE B 68 -19.38 -9.21 -3.00
C ILE B 68 -20.71 -8.96 -3.66
N THR B 69 -21.52 -8.11 -3.05
CA THR B 69 -22.65 -7.48 -3.77
C THR B 69 -22.73 -6.01 -3.48
N PHE B 70 -23.52 -5.26 -4.26
CA PHE B 70 -23.71 -3.88 -4.00
C PHE B 70 -25.14 -3.57 -3.75
N SER B 71 -25.43 -2.50 -3.01
CA SER B 71 -26.78 -1.99 -2.91
C SER B 71 -26.78 -0.51 -2.67
N ALA B 72 -27.93 0.12 -2.60
CA ALA B 72 -27.99 1.54 -2.36
C ALA B 72 -29.24 1.86 -1.63
N ASP B 73 -29.15 2.79 -0.69
CA ASP B 73 -30.36 3.32 0.00
C ASP B 73 -30.54 4.76 -0.45
N LYS B 74 -31.45 4.93 -1.42
CA LYS B 74 -31.59 6.21 -2.03
C LYS B 74 -32.09 7.27 -1.07
N SER B 75 -32.79 6.85 -0.03
CA SER B 75 -33.38 7.85 0.93
C SER B 75 -32.32 8.59 1.74
N ILE B 76 -31.14 7.97 1.85
CA ILE B 76 -30.04 8.63 2.50
C ILE B 76 -28.77 8.71 1.60
N SER B 77 -29.00 8.69 0.27
CA SER B 77 -27.91 8.93 -0.72
C SER B 77 -26.67 8.08 -0.43
N THR B 78 -26.89 6.81 -0.11
CA THR B 78 -25.73 6.00 0.27
C THR B 78 -25.69 4.71 -0.56
N ALA B 79 -24.50 4.31 -1.03
CA ALA B 79 -24.26 3.04 -1.71
C ALA B 79 -23.47 2.10 -0.78
N TYR B 80 -23.56 0.80 -0.97
CA TYR B 80 -22.91 -0.14 -0.08
C TYR B 80 -22.22 -1.21 -0.86
N LEU B 81 -21.13 -1.70 -0.27
CA LEU B 81 -20.38 -2.85 -0.70
C LEU B 81 -20.58 -3.86 0.44
N HIS B 82 -21.04 -5.03 0.06
CA HIS B 82 -21.26 -6.12 1.00
C HIS B 82 -20.37 -7.28 0.77
N TRP B 83 -19.88 -7.85 1.85
CA TRP B 83 -19.42 -9.27 1.85
C TRP B 83 -20.27 -10.16 2.78
N THR B 84 -20.64 -11.40 2.38
CA THR B 84 -21.35 -12.23 3.42
C THR B 84 -20.40 -13.12 4.19
N SER B 85 -19.16 -13.32 3.65
CA SER B 85 -18.16 -14.12 4.38
C SER B 85 -16.73 -13.65 4.04
N LEU B 86 -16.22 -12.83 4.94
CA LEU B 86 -14.85 -12.27 4.70
C LEU B 86 -13.80 -13.30 4.72
N GLN B 87 -12.69 -13.05 4.02
CA GLN B 87 -11.49 -13.88 4.17
C GLN B 87 -10.28 -12.92 4.42
N ALA B 88 -9.17 -13.49 4.87
CA ALA B 88 -8.06 -12.66 5.31
C ALA B 88 -7.61 -11.78 4.11
N SER B 89 -7.71 -12.34 2.90
CA SER B 89 -7.18 -11.58 1.71
C SER B 89 -8.06 -10.39 1.43
N ASP B 90 -9.22 -10.24 2.12
CA ASP B 90 -10.01 -9.02 1.87
C ASP B 90 -9.37 -7.82 2.54
N THR B 91 -8.33 -8.01 3.37
CA THR B 91 -7.61 -6.84 3.97
C THR B 91 -7.09 -5.93 2.88
N ALA B 92 -7.53 -4.70 2.95
CA ALA B 92 -7.15 -3.69 1.88
C ALA B 92 -7.82 -2.41 2.21
N MET B 93 -7.43 -1.35 1.49
CA MET B 93 -8.19 -0.13 1.44
C MET B 93 -9.28 -0.20 0.36
N TYR B 94 -10.48 0.31 0.67
CA TYR B 94 -11.57 0.30 -0.40
C TYR B 94 -12.03 1.70 -0.58
N TYR B 95 -12.05 2.14 -1.85
CA TYR B 95 -12.61 3.43 -2.23
C TYR B 95 -13.90 3.31 -2.98
N CYS B 96 -14.82 4.23 -2.77
CA CYS B 96 -15.85 4.43 -3.79
C CYS B 96 -15.50 5.58 -4.67
N ALA B 97 -16.08 5.67 -5.87
CA ALA B 97 -15.77 6.78 -6.76
C ALA B 97 -16.97 6.95 -7.66
N ARG B 98 -17.24 8.20 -8.01
CA ARG B 98 -18.43 8.54 -8.86
C ARG B 98 -17.96 8.51 -10.30
N LEU B 99 -18.73 7.78 -11.15
CA LEU B 99 -18.45 7.88 -12.60
C LEU B 99 -19.14 9.13 -13.17
N GLY B 100 -18.38 9.94 -13.88
CA GLY B 100 -18.85 11.27 -14.39
C GLY B 100 -19.75 11.04 -15.64
N PHE B 101 -20.22 12.17 -16.16
CA PHE B 101 -21.13 12.15 -17.34
C PHE B 101 -20.41 12.69 -18.54
N GLU B 102 -20.91 12.27 -19.71
CA GLU B 102 -20.36 12.76 -20.93
C GLU B 102 -21.60 12.78 -21.89
N GLY B 103 -21.75 14.01 -22.46
CA GLY B 103 -22.90 14.17 -23.38
C GLY B 103 -24.16 13.79 -22.62
N ASP B 104 -24.98 13.00 -23.31
CA ASP B 104 -26.20 12.51 -22.73
C ASP B 104 -26.05 11.27 -21.85
N TYR B 105 -24.83 10.71 -21.75
CA TYR B 105 -24.67 9.40 -21.17
C TYR B 105 -23.81 9.52 -19.88
N SER B 106 -23.57 8.37 -19.22
CA SER B 106 -22.42 8.39 -18.31
C SER B 106 -21.16 8.34 -19.15
N GLY B 107 -20.09 8.85 -18.54
CA GLY B 107 -18.78 8.83 -19.22
C GLY B 107 -17.85 7.76 -18.73
N SER B 108 -16.51 8.06 -18.77
CA SER B 108 -15.53 6.96 -18.69
C SER B 108 -14.53 7.20 -17.55
N PHE B 109 -14.76 8.28 -16.85
CA PHE B 109 -13.76 8.69 -15.81
C PHE B 109 -14.44 8.80 -14.46
N PHE B 110 -13.66 8.73 -13.36
CA PHE B 110 -14.23 8.89 -12.00
C PHE B 110 -13.81 10.25 -11.47
N ASP B 111 -14.80 11.14 -11.43
CA ASP B 111 -14.48 12.49 -11.11
C ASP B 111 -14.42 12.87 -9.62
N TYR B 112 -14.98 12.09 -8.76
CA TYR B 112 -14.86 12.28 -7.28
C TYR B 112 -14.68 10.93 -6.66
N TRP B 113 -13.82 10.91 -5.60
CA TRP B 113 -13.55 9.68 -4.86
C TRP B 113 -13.82 9.85 -3.36
N GLY B 114 -14.24 8.80 -2.68
CA GLY B 114 -14.33 8.82 -1.17
C GLY B 114 -12.95 8.87 -0.59
N GLN B 115 -12.93 9.02 0.75
CA GLN B 115 -11.61 9.08 1.47
C GLN B 115 -11.08 7.72 1.79
N GLY B 116 -11.78 6.65 1.43
CA GLY B 116 -11.33 5.30 1.70
C GLY B 116 -11.84 4.77 3.00
N THR B 117 -12.02 3.45 2.99
CA THR B 117 -12.27 2.67 4.21
C THR B 117 -11.22 1.56 4.28
N LEU B 118 -10.44 1.54 5.38
CA LEU B 118 -9.48 0.51 5.62
C LEU B 118 -10.16 -0.68 6.27
N LEU B 119 -10.04 -1.81 5.67
CA LEU B 119 -10.52 -3.12 6.22
C LEU B 119 -9.36 -4.01 6.56
N ILE B 120 -9.34 -4.46 7.82
CA ILE B 120 -8.43 -5.50 8.23
C ILE B 120 -9.24 -6.73 8.65
N VAL B 121 -8.91 -7.86 8.07
CA VAL B 121 -9.59 -9.16 8.34
C VAL B 121 -8.52 -10.07 8.91
N SER B 122 -8.73 -10.52 10.15
CA SER B 122 -7.75 -11.40 10.81
C SER B 122 -8.54 -12.25 11.83
N SER B 123 -8.09 -13.50 11.98
CA SER B 123 -8.71 -14.36 13.02
C SER B 123 -8.36 -13.92 14.42
N ALA B 124 -7.36 -13.02 14.56
CA ALA B 124 -6.84 -12.67 15.88
C ALA B 124 -7.82 -11.99 16.79
N SER B 125 -7.70 -12.35 18.08
CA SER B 125 -8.24 -11.55 19.15
C SER B 125 -7.15 -10.65 19.73
N THR B 126 -7.51 -9.67 20.56
CA THR B 126 -6.53 -8.81 21.21
C THR B 126 -5.44 -9.60 21.82
N LYS B 127 -4.18 -9.36 21.44
CA LYS B 127 -3.07 -10.17 21.95
C LYS B 127 -1.82 -9.28 22.16
N GLY B 128 -1.17 -9.30 23.31
CA GLY B 128 0.05 -8.46 23.48
C GLY B 128 1.25 -9.19 22.85
N PRO B 129 2.26 -8.39 22.56
CA PRO B 129 3.42 -9.02 21.86
C PRO B 129 4.36 -9.80 22.83
N SER B 130 5.18 -10.68 22.24
CA SER B 130 6.40 -11.20 22.86
C SER B 130 7.51 -10.30 22.38
N VAL B 131 8.38 -9.86 23.27
CA VAL B 131 9.48 -8.99 22.86
C VAL B 131 10.82 -9.75 22.98
N PHE B 132 11.48 -9.94 21.80
CA PHE B 132 12.77 -10.66 21.84
C PHE B 132 13.89 -9.71 21.60
N PRO B 133 15.01 -9.88 22.23
CA PRO B 133 16.16 -9.02 21.94
C PRO B 133 16.82 -9.30 20.60
N LEU B 134 17.29 -8.23 19.94
CA LEU B 134 18.11 -8.42 18.72
C LEU B 134 19.54 -7.95 19.12
N ALA B 135 20.37 -8.92 19.49
CA ALA B 135 21.63 -8.67 20.20
C ALA B 135 22.57 -8.10 19.20
N PRO B 136 23.43 -7.14 19.69
CA PRO B 136 24.50 -6.60 18.86
C PRO B 136 25.52 -7.77 18.65
N SER B 137 26.07 -7.99 17.46
CA SER B 137 27.00 -9.15 17.28
C SER B 137 28.46 -8.79 17.00
N GLY B 143 33.77 -1.95 15.50
CA GLY B 143 32.86 -0.98 14.86
C GLY B 143 33.43 0.21 14.07
N GLY B 144 33.34 1.42 14.62
CA GLY B 144 32.86 1.66 15.98
C GLY B 144 31.35 1.76 16.27
N THR B 145 30.46 1.25 15.42
CA THR B 145 29.05 1.24 15.85
C THR B 145 28.46 -0.16 15.83
N ALA B 146 27.46 -0.35 16.69
CA ALA B 146 26.79 -1.66 16.79
C ALA B 146 25.28 -1.29 16.70
N ALA B 147 24.54 -2.10 15.96
CA ALA B 147 23.10 -1.98 15.99
C ALA B 147 22.55 -3.09 16.90
N LEU B 148 21.69 -2.66 17.75
CA LEU B 148 20.96 -3.66 18.63
C LEU B 148 19.50 -3.32 18.56
N GLY B 149 18.60 -4.27 18.93
CA GLY B 149 17.22 -3.83 18.83
C GLY B 149 16.27 -4.80 19.55
N CYS B 150 14.99 -4.60 19.28
CA CYS B 150 13.95 -5.45 19.89
C CYS B 150 13.01 -5.82 18.76
N LEU B 151 12.65 -7.12 18.77
CA LEU B 151 11.64 -7.67 17.91
C LEU B 151 10.31 -7.78 18.70
N VAL B 152 9.30 -7.02 18.29
CA VAL B 152 8.02 -6.92 18.96
C VAL B 152 7.05 -7.78 18.21
N LYS B 153 6.92 -9.06 18.64
CA LYS B 153 6.34 -10.09 17.79
C LYS B 153 4.93 -10.49 18.18
N ASP B 154 4.11 -10.62 17.13
CA ASP B 154 2.79 -11.31 17.22
C ASP B 154 1.81 -10.62 18.16
N TYR B 155 1.42 -9.40 17.83
CA TYR B 155 0.49 -8.66 18.60
C TYR B 155 -0.75 -8.22 17.72
N PHE B 156 -1.80 -7.86 18.41
CA PHE B 156 -3.02 -7.46 17.64
C PHE B 156 -3.90 -6.69 18.56
N PRO B 157 -4.52 -5.61 18.14
CA PRO B 157 -4.41 -4.91 16.82
C PRO B 157 -3.29 -3.85 16.99
N GLU B 158 -3.12 -2.99 15.97
CA GLU B 158 -2.25 -1.83 16.17
C GLU B 158 -2.85 -0.88 17.21
N PRO B 159 -2.03 -0.01 17.84
CA PRO B 159 -0.61 0.18 17.52
C PRO B 159 0.25 -0.27 18.75
N VAL B 160 1.57 -0.13 18.60
CA VAL B 160 2.56 -0.31 19.63
C VAL B 160 3.44 0.93 19.59
N THR B 161 3.91 1.34 20.75
CA THR B 161 4.96 2.35 20.86
C THR B 161 6.24 1.71 21.39
N VAL B 162 7.38 2.23 21.00
CA VAL B 162 8.65 1.76 21.50
C VAL B 162 9.52 2.96 21.84
N SER B 163 10.14 2.95 22.98
CA SER B 163 11.16 3.89 23.35
C SER B 163 12.36 3.11 23.86
N TRP B 164 13.47 3.83 24.04
CA TRP B 164 14.73 3.21 24.53
C TRP B 164 15.17 3.90 25.78
N ASN B 165 15.63 3.13 26.77
CA ASN B 165 16.01 3.69 28.06
C ASN B 165 15.06 4.70 28.56
N SER B 166 13.78 4.43 28.52
CA SER B 166 12.74 5.26 29.13
C SER B 166 12.69 6.66 28.49
N GLY B 167 13.10 6.73 27.23
CA GLY B 167 13.04 8.01 26.48
C GLY B 167 14.36 8.76 26.56
N ALA B 168 15.32 8.25 27.31
CA ALA B 168 16.62 8.92 27.51
C ALA B 168 17.52 8.71 26.29
N LEU B 169 17.24 7.74 25.39
CA LEU B 169 18.06 7.49 24.21
C LEU B 169 17.12 7.70 23.02
N THR B 170 17.42 8.70 22.19
CA THR B 170 16.55 9.03 21.06
C THR B 170 17.39 9.05 19.77
N SER B 171 18.65 9.42 19.91
CA SER B 171 19.44 9.47 18.69
C SER B 171 19.92 8.06 18.20
N GLY B 172 19.86 7.83 16.91
CA GLY B 172 20.23 6.58 16.30
C GLY B 172 19.08 5.52 16.54
N VAL B 173 17.95 5.95 17.05
CA VAL B 173 16.74 5.04 17.20
C VAL B 173 15.98 4.97 15.87
N HIS B 174 15.67 3.76 15.41
CA HIS B 174 14.80 3.67 14.28
C HIS B 174 13.74 2.59 14.52
N THR B 175 12.50 3.00 14.66
CA THR B 175 11.39 2.11 14.97
C THR B 175 10.67 1.91 13.65
N PHE B 176 10.55 0.68 13.19
CA PHE B 176 10.01 0.38 11.84
C PHE B 176 8.50 0.17 11.99
N PRO B 177 7.70 0.51 10.99
CA PRO B 177 6.28 0.18 10.95
C PRO B 177 6.14 -1.34 10.89
N ALA B 178 5.01 -1.81 11.41
CA ALA B 178 4.75 -3.23 11.46
C ALA B 178 4.39 -3.86 10.16
N VAL B 179 4.64 -5.15 10.14
CA VAL B 179 4.16 -6.09 9.08
C VAL B 179 2.90 -6.81 9.64
N LEU B 180 1.86 -6.92 8.83
CA LEU B 180 0.72 -7.83 9.23
C LEU B 180 1.04 -9.18 8.57
N GLN B 181 1.31 -10.23 9.34
CA GLN B 181 1.77 -11.50 8.79
C GLN B 181 0.52 -12.31 8.36
N SER B 182 0.76 -13.37 7.59
CA SER B 182 -0.38 -14.16 7.09
C SER B 182 -1.04 -14.85 8.27
N SER B 183 -0.39 -14.92 9.44
CA SER B 183 -0.99 -15.44 10.65
C SER B 183 -2.10 -14.58 11.17
N GLY B 184 -2.21 -13.34 10.68
CA GLY B 184 -3.16 -12.35 11.27
C GLY B 184 -2.71 -11.49 12.45
N LEU B 185 -1.40 -11.63 12.76
CA LEU B 185 -0.79 -10.90 13.85
C LEU B 185 0.29 -9.95 13.25
N TYR B 186 0.49 -8.87 13.96
CA TYR B 186 1.56 -7.87 13.55
C TYR B 186 2.86 -8.18 14.23
N SER B 187 3.95 -7.75 13.59
CA SER B 187 5.25 -7.70 14.28
C SER B 187 5.92 -6.40 13.78
N LEU B 188 6.72 -5.87 14.68
CA LEU B 188 7.59 -4.79 14.26
C LEU B 188 8.89 -4.85 14.96
N SER B 189 9.88 -4.07 14.55
CA SER B 189 11.16 -4.07 15.21
C SER B 189 11.60 -2.64 15.42
N SER B 190 12.41 -2.44 16.42
CA SER B 190 13.08 -1.14 16.65
C SER B 190 14.53 -1.39 16.89
N VAL B 191 15.45 -0.55 16.36
CA VAL B 191 16.92 -0.83 16.40
C VAL B 191 17.56 0.52 16.82
N VAL B 192 18.62 0.43 17.62
CA VAL B 192 19.32 1.68 17.99
C VAL B 192 20.80 1.39 17.66
N THR B 193 21.49 2.37 17.04
CA THR B 193 22.90 2.15 16.68
C THR B 193 23.72 2.87 17.79
N VAL B 194 24.74 2.19 18.31
CA VAL B 194 25.39 2.65 19.54
C VAL B 194 26.88 2.47 19.28
N PRO B 195 27.72 3.21 20.03
CA PRO B 195 29.18 2.89 20.07
C PRO B 195 29.44 1.46 20.47
N SER B 196 30.22 0.71 19.67
CA SER B 196 30.71 -0.62 20.02
C SER B 196 31.27 -0.64 21.46
N SER B 197 31.96 0.44 21.84
CA SER B 197 32.66 0.44 23.15
C SER B 197 31.75 0.51 24.40
N SER B 198 30.55 1.09 24.25
CA SER B 198 29.57 1.15 25.32
C SER B 198 28.95 -0.24 25.63
N LEU B 199 29.09 -1.23 24.74
CA LEU B 199 28.33 -2.51 24.92
C LEU B 199 28.59 -3.18 26.27
N GLY B 200 29.82 -3.07 26.77
CA GLY B 200 30.15 -3.72 28.04
C GLY B 200 29.58 -2.94 29.20
N THR B 201 29.47 -1.63 29.05
CA THR B 201 29.12 -0.84 30.20
C THR B 201 27.68 -0.29 30.24
N GLN B 202 27.12 0.13 29.11
CA GLN B 202 25.82 0.82 29.06
C GLN B 202 24.66 -0.20 28.91
N THR B 203 23.65 -0.05 29.75
CA THR B 203 22.46 -0.91 29.66
C THR B 203 21.50 -0.35 28.62
N TYR B 204 20.97 -1.27 27.76
CA TYR B 204 20.03 -0.79 26.68
C TYR B 204 18.71 -1.56 26.91
N ILE B 205 17.61 -0.84 27.08
CA ILE B 205 16.32 -1.41 27.40
C ILE B 205 15.33 -0.82 26.43
N CYS B 206 14.57 -1.71 25.75
CA CYS B 206 13.49 -1.18 24.87
C CYS B 206 12.19 -1.16 25.62
N ASN B 207 11.46 -0.04 25.64
CA ASN B 207 10.21 0.07 26.43
C ASN B 207 9.09 -0.09 25.47
N VAL B 208 8.34 -1.18 25.50
CA VAL B 208 7.28 -1.48 24.51
C VAL B 208 5.94 -1.35 25.15
N ASN B 209 5.04 -0.56 24.58
CA ASN B 209 3.72 -0.52 25.14
C ASN B 209 2.69 -0.91 24.09
N HIS B 210 1.78 -1.83 24.39
CA HIS B 210 0.64 -2.22 23.57
C HIS B 210 -0.60 -2.02 24.36
N LYS B 211 -1.14 -0.79 24.25
CA LYS B 211 -2.29 -0.48 25.13
C LYS B 211 -3.53 -1.32 24.98
N PRO B 212 -3.86 -1.83 23.78
CA PRO B 212 -5.03 -2.67 23.65
C PRO B 212 -5.01 -3.89 24.55
N SER B 213 -3.83 -4.50 24.81
CA SER B 213 -3.74 -5.71 25.59
C SER B 213 -3.19 -5.33 27.02
N ASN B 214 -3.02 -4.06 27.33
CA ASN B 214 -2.33 -3.56 28.57
C ASN B 214 -0.95 -4.20 28.79
N THR B 215 -0.21 -4.36 27.71
CA THR B 215 1.09 -5.01 27.76
C THR B 215 2.12 -3.92 27.79
N LYS B 216 2.86 -3.77 28.88
CA LYS B 216 3.89 -2.76 28.95
C LYS B 216 5.12 -3.55 29.42
N VAL B 217 6.18 -3.65 28.61
CA VAL B 217 7.39 -4.54 28.92
C VAL B 217 8.62 -3.70 28.66
N ASP B 218 9.61 -3.76 29.52
CA ASP B 218 10.86 -3.10 29.28
C ASP B 218 11.89 -4.24 29.12
N LYS B 219 12.39 -4.46 27.92
CA LYS B 219 13.25 -5.63 27.66
C LYS B 219 14.66 -5.24 27.60
N LYS B 220 15.49 -5.84 28.45
CA LYS B 220 16.93 -5.59 28.39
C LYS B 220 17.57 -6.31 27.21
N VAL B 221 18.40 -5.61 26.40
CA VAL B 221 19.07 -6.24 25.28
C VAL B 221 20.55 -6.38 25.59
N GLU B 222 20.98 -7.63 25.86
CA GLU B 222 22.36 -7.91 26.33
C GLU B 222 23.21 -8.21 25.09
N PRO B 223 24.49 -7.88 25.11
CA PRO B 223 25.44 -8.32 24.05
C PRO B 223 25.57 -9.86 23.95
N TYR C 1 -36.10 6.66 -21.95
CA TYR C 1 -35.20 5.73 -21.23
C TYR C 1 -34.08 6.59 -20.53
N ASN C 2 -33.44 6.03 -19.47
CA ASN C 2 -32.44 6.82 -18.69
C ASN C 2 -31.04 6.64 -19.34
N LYS C 3 -30.63 7.64 -20.14
CA LYS C 3 -29.38 7.54 -20.90
C LYS C 3 -28.14 7.53 -20.03
N ARG C 4 -28.29 7.98 -18.81
CA ARG C 4 -27.15 7.87 -17.85
C ARG C 4 -26.87 6.46 -17.47
N LYS C 5 -27.74 5.49 -17.69
CA LYS C 5 -27.38 4.12 -17.47
C LYS C 5 -26.32 3.60 -18.46
N ARG C 6 -26.24 4.21 -19.67
CA ARG C 6 -25.22 3.80 -20.62
C ARG C 6 -23.90 4.48 -20.29
N ILE C 7 -22.88 3.67 -20.43
CA ILE C 7 -21.52 4.11 -20.04
C ILE C 7 -20.72 4.20 -21.39
N HIS C 8 -20.36 5.44 -21.74
CA HIS C 8 -19.72 5.72 -23.04
C HIS C 8 -18.21 5.77 -22.75
N ILE C 9 -17.47 4.92 -23.43
CA ILE C 9 -16.08 4.65 -22.97
C ILE C 9 -15.05 4.98 -24.05
N GLY C 10 -15.53 5.45 -25.22
CA GLY C 10 -14.55 5.90 -26.28
C GLY C 10 -15.37 6.67 -27.30
N PRO C 11 -14.67 7.32 -28.25
CA PRO C 11 -15.50 8.12 -29.23
C PRO C 11 -16.43 7.18 -30.05
N GLY C 12 -17.56 7.80 -30.44
CA GLY C 12 -18.50 7.06 -31.28
C GLY C 12 -19.32 6.07 -30.47
N ARG C 13 -19.76 4.97 -31.08
CA ARG C 13 -20.69 4.03 -30.41
C ARG C 13 -19.88 3.03 -29.64
N ALA C 14 -19.10 3.50 -28.66
CA ALA C 14 -18.22 2.58 -27.90
C ALA C 14 -18.76 2.69 -26.43
N PHE C 15 -19.46 1.65 -26.01
CA PHE C 15 -20.06 1.56 -24.66
C PHE C 15 -19.59 0.35 -23.96
N TYR C 16 -19.64 0.40 -22.61
CA TYR C 16 -19.42 -0.78 -21.85
C TYR C 16 -20.71 -1.59 -21.80
N THR C 17 -20.58 -2.88 -21.97
CA THR C 17 -21.76 -3.77 -21.69
C THR C 17 -22.07 -4.00 -20.16
N THR C 18 -23.18 -3.43 -19.64
CA THR C 18 -23.65 -3.69 -18.23
C THR C 18 -24.63 -4.88 -18.13
#